data_4CSJ
#
_entry.id   4CSJ
#
_cell.length_a   84.354
_cell.length_b   84.354
_cell.length_c   105.669
_cell.angle_alpha   90.00
_cell.angle_beta   90.00
_cell.angle_gamma   120.00
#
_symmetry.space_group_name_H-M   'P 32 2 1'
#
loop_
_entity.id
_entity.type
_entity.pdbx_description
1 polymer 'GLUCOCORTICOID RECEPTOR'
2 polymer 'NUCLEAR RECEPTOR COACTIVATOR 2'
3 non-polymer 1,2-ETHANEDIOL
4 non-polymer N-[(2S)-1-[[1-(4-fluorophenyl)indazol-4-yl]amino]propan-2-yl]-2,4,6-trimethyl-benzenesulfonamide
5 water water
#
loop_
_entity_poly.entity_id
_entity_poly.type
_entity_poly.pdbx_seq_one_letter_code
_entity_poly.pdbx_strand_id
1 'polypeptide(L)'
;GSIQQATTGVSQETSENPGDKTIVPATLPQLTPTLVSLLEVIEPEVLYAGYDSSVPDSTWRIMTTLNMLGGRQMIAAVKW
AKAIPGFRNLHLDDQMTLLQYSWMSLMAFALGWRSYRQSSANLLCFAPDLIINEQRMTLPDMYDQCKHMLYVSSELHRLQ
VSYEEYLCMKTLLLLSSVPKDGLKSQELFDEIRMTYIKELGKAIVKREGNSSQNWQRFYQLTKLLDSMHEVVENLLNYCF
QTFLDKTMSIEFPEMLAEIITNQIPKYSNGNIKKLLFHQK
;
A
2 'polypeptide(L)' ENALLRYLLDKDD B
#
# COMPACT_ATOMS: atom_id res chain seq x y z
N PRO A 33 21.88 0.85 15.13
CA PRO A 33 21.04 0.29 14.06
C PRO A 33 20.73 1.30 12.96
N THR A 34 20.90 0.90 11.68
CA THR A 34 20.57 1.77 10.54
C THR A 34 19.05 1.98 10.49
N LEU A 35 18.60 3.07 9.85
CA LEU A 35 17.19 3.35 9.74
C LEU A 35 16.48 2.31 8.87
N VAL A 36 17.08 1.93 7.74
CA VAL A 36 16.53 0.90 6.84
C VAL A 36 16.42 -0.48 7.56
N SER A 37 17.36 -0.81 8.46
CA SER A 37 17.28 -2.11 9.19
C SER A 37 16.11 -2.12 10.19
N LEU A 38 15.72 -0.92 10.69
CA LEU A 38 14.58 -0.76 11.58
C LEU A 38 13.26 -0.96 10.78
N LEU A 39 13.25 -0.59 9.49
CA LEU A 39 12.11 -0.80 8.59
C LEU A 39 12.03 -2.26 8.19
N GLU A 40 13.19 -2.90 8.03
CA GLU A 40 13.24 -4.31 7.65
C GLU A 40 12.65 -5.20 8.74
N VAL A 41 13.05 -5.00 9.99
CA VAL A 41 12.66 -5.87 11.10
C VAL A 41 11.13 -5.83 11.38
N ILE A 42 10.44 -4.76 10.98
CA ILE A 42 9.00 -4.65 11.23
C ILE A 42 8.16 -5.09 10.02
N GLU A 43 8.77 -5.70 9.00
CA GLU A 43 8.06 -6.23 7.85
C GLU A 43 6.97 -7.19 8.30
N PRO A 44 5.70 -6.91 7.94
CA PRO A 44 4.59 -7.79 8.37
C PRO A 44 4.77 -9.24 7.93
N GLU A 45 4.26 -10.19 8.75
CA GLU A 45 4.32 -11.61 8.42
C GLU A 45 3.36 -11.88 7.26
N VAL A 46 3.63 -12.95 6.49
CA VAL A 46 2.79 -13.38 5.37
C VAL A 46 1.47 -13.96 5.89
N LEU A 47 0.34 -13.40 5.46
CA LEU A 47 -0.96 -13.93 5.88
C LEU A 47 -1.53 -14.87 4.81
N TYR A 48 -2.28 -15.89 5.26
CA TYR A 48 -2.95 -16.85 4.38
C TYR A 48 -4.40 -16.40 4.18
N ALA A 49 -4.97 -16.63 2.99
CA ALA A 49 -6.35 -16.23 2.71
C ALA A 49 -7.40 -17.15 3.36
N GLY A 50 -7.05 -18.42 3.53
CA GLY A 50 -7.95 -19.45 4.03
C GLY A 50 -8.82 -19.91 2.87
N TYR A 51 -8.24 -19.92 1.68
CA TYR A 51 -8.92 -20.25 0.42
C TYR A 51 -8.86 -21.76 0.10
N ASP A 52 -10.05 -22.40 0.16
CA ASP A 52 -10.25 -23.82 -0.13
C ASP A 52 -10.19 -24.04 -1.65
N SER A 53 -9.02 -24.45 -2.17
CA SER A 53 -8.83 -24.66 -3.61
C SER A 53 -9.53 -25.94 -4.17
N SER A 54 -10.15 -26.77 -3.29
CA SER A 54 -10.88 -27.97 -3.69
C SER A 54 -12.23 -27.56 -4.32
N VAL A 55 -12.88 -26.54 -3.72
CA VAL A 55 -14.12 -25.88 -4.15
C VAL A 55 -13.75 -25.08 -5.44
N PRO A 56 -14.61 -24.98 -6.47
CA PRO A 56 -14.20 -24.25 -7.69
C PRO A 56 -14.10 -22.75 -7.50
N ASP A 57 -13.46 -22.04 -8.46
CA ASP A 57 -13.28 -20.60 -8.41
C ASP A 57 -14.45 -19.83 -8.99
N SER A 58 -14.60 -18.58 -8.53
CA SER A 58 -15.51 -17.59 -9.10
C SER A 58 -14.94 -16.22 -8.74
N THR A 59 -15.28 -15.20 -9.53
CA THR A 59 -14.84 -13.84 -9.30
C THR A 59 -15.32 -13.33 -7.92
N TRP A 60 -16.64 -13.51 -7.62
CA TRP A 60 -17.29 -13.07 -6.37
C TRP A 60 -16.62 -13.70 -5.17
N ARG A 61 -16.33 -15.00 -5.25
CA ARG A 61 -15.64 -15.77 -4.23
C ARG A 61 -14.24 -15.22 -4.01
N ILE A 62 -13.48 -14.97 -5.08
CA ILE A 62 -12.12 -14.45 -4.95
C ILE A 62 -12.14 -13.02 -4.36
N MET A 63 -13.05 -12.17 -4.86
CA MET A 63 -13.21 -10.80 -4.40
C MET A 63 -13.54 -10.77 -2.91
N THR A 64 -14.53 -11.57 -2.49
CA THR A 64 -14.97 -11.67 -1.09
C THR A 64 -13.80 -12.04 -0.16
N THR A 65 -13.06 -13.13 -0.50
CA THR A 65 -11.88 -13.64 0.19
C THR A 65 -10.81 -12.55 0.27
N LEU A 66 -10.54 -11.82 -0.84
CA LEU A 66 -9.53 -10.77 -0.88
C LEU A 66 -9.88 -9.58 0.01
N ASN A 67 -11.19 -9.26 0.13
CA ASN A 67 -11.65 -8.19 1.02
C ASN A 67 -11.42 -8.57 2.46
N MET A 68 -11.77 -9.82 2.86
CA MET A 68 -11.53 -10.33 4.22
C MET A 68 -10.03 -10.38 4.53
N LEU A 69 -9.23 -10.84 3.56
CA LEU A 69 -7.78 -10.85 3.68
C LEU A 69 -7.25 -9.41 3.83
N GLY A 70 -7.81 -8.49 3.05
CA GLY A 70 -7.46 -7.08 3.08
C GLY A 70 -7.62 -6.42 4.43
N GLY A 71 -8.70 -6.75 5.16
CA GLY A 71 -8.93 -6.20 6.50
C GLY A 71 -7.84 -6.66 7.46
N ARG A 72 -7.38 -7.91 7.32
CA ARG A 72 -6.31 -8.48 8.17
C ARG A 72 -4.97 -7.88 7.85
N GLN A 73 -4.72 -7.56 6.55
CA GLN A 73 -3.49 -6.89 6.13
C GLN A 73 -3.46 -5.49 6.72
N MET A 74 -4.62 -4.81 6.78
CA MET A 74 -4.70 -3.44 7.29
C MET A 74 -4.62 -3.34 8.81
N ILE A 75 -5.11 -4.36 9.55
CA ILE A 75 -4.92 -4.41 11.02
C ILE A 75 -3.40 -4.57 11.27
N ALA A 76 -2.70 -5.41 10.47
CA ALA A 76 -1.26 -5.60 10.56
C ALA A 76 -0.51 -4.33 10.14
N ALA A 77 -1.08 -3.53 9.19
CA ALA A 77 -0.48 -2.28 8.69
C ALA A 77 -0.42 -1.22 9.76
N VAL A 78 -1.41 -1.19 10.67
CA VAL A 78 -1.45 -0.27 11.82
C VAL A 78 -0.28 -0.59 12.77
N LYS A 79 -0.10 -1.87 13.09
CA LYS A 79 0.96 -2.32 13.98
C LYS A 79 2.32 -1.94 13.36
N TRP A 80 2.45 -2.14 12.05
CA TRP A 80 3.66 -1.83 11.28
C TRP A 80 3.99 -0.33 11.35
N ALA A 81 3.02 0.54 10.98
CA ALA A 81 3.15 2.01 11.00
C ALA A 81 3.61 2.52 12.37
N LYS A 82 3.00 2.02 13.45
CA LYS A 82 3.34 2.40 14.82
C LYS A 82 4.81 2.14 15.15
N ALA A 83 5.43 1.16 14.48
CA ALA A 83 6.81 0.82 14.73
C ALA A 83 7.82 1.54 13.78
N ILE A 84 7.32 2.36 12.82
CA ILE A 84 8.16 3.13 11.90
C ILE A 84 8.77 4.29 12.68
N PRO A 85 10.11 4.41 12.81
CA PRO A 85 10.68 5.53 13.58
C PRO A 85 10.15 6.89 13.11
N GLY A 86 9.59 7.65 14.05
CA GLY A 86 9.02 8.97 13.80
C GLY A 86 7.50 9.05 13.76
N PHE A 87 6.85 7.97 13.24
CA PHE A 87 5.40 7.89 13.04
C PHE A 87 4.58 8.21 14.29
N ARG A 88 4.89 7.57 15.43
CA ARG A 88 4.20 7.79 16.71
C ARG A 88 4.35 9.20 17.28
N ASN A 89 5.37 9.94 16.81
CA ASN A 89 5.60 11.32 17.24
C ASN A 89 4.63 12.31 16.56
N LEU A 90 3.95 11.88 15.49
CA LEU A 90 2.96 12.73 14.81
C LEU A 90 1.71 12.74 15.68
N HIS A 91 0.85 13.75 15.49
CA HIS A 91 -0.42 13.81 16.22
C HIS A 91 -1.22 12.56 15.85
N LEU A 92 -1.92 11.98 16.84
CA LEU A 92 -2.75 10.78 16.66
C LEU A 92 -3.71 10.91 15.44
N ASP A 93 -4.29 12.13 15.22
CA ASP A 93 -5.16 12.42 14.09
C ASP A 93 -4.42 12.30 12.76
N ASP A 94 -3.11 12.66 12.72
CA ASP A 94 -2.26 12.55 11.52
C ASP A 94 -1.92 11.10 11.26
N GLN A 95 -1.74 10.31 12.33
CA GLN A 95 -1.47 8.87 12.21
C GLN A 95 -2.65 8.19 11.47
N MET A 96 -3.90 8.47 11.94
CA MET A 96 -5.18 8.00 11.40
C MET A 96 -5.34 8.43 9.95
N THR A 97 -5.12 9.72 9.68
CA THR A 97 -5.22 10.36 8.37
C THR A 97 -4.34 9.63 7.33
N LEU A 98 -3.04 9.51 7.64
CA LEU A 98 -2.01 8.92 6.78
C LEU A 98 -2.31 7.48 6.45
N LEU A 99 -2.78 6.69 7.44
CA LEU A 99 -3.14 5.28 7.21
C LEU A 99 -4.38 5.18 6.33
N GLN A 100 -5.34 6.08 6.52
CA GLN A 100 -6.59 6.10 5.74
C GLN A 100 -6.40 6.54 4.29
N TYR A 101 -5.46 7.45 4.03
CA TYR A 101 -5.14 7.87 2.67
C TYR A 101 -4.34 6.82 1.94
N SER A 102 -3.33 6.24 2.61
CA SER A 102 -2.35 5.36 1.96
C SER A 102 -2.65 3.86 1.97
N TRP A 103 -3.65 3.41 2.73
CA TRP A 103 -3.99 1.99 2.85
C TRP A 103 -3.84 1.17 1.54
N MET A 104 -4.50 1.58 0.43
CA MET A 104 -4.45 0.87 -0.85
C MET A 104 -3.07 0.98 -1.53
N SER A 105 -2.37 2.11 -1.31
CA SER A 105 -1.03 2.32 -1.87
C SER A 105 -0.05 1.34 -1.21
N LEU A 106 -0.14 1.21 0.12
CA LEU A 106 0.68 0.28 0.89
C LEU A 106 0.44 -1.16 0.44
N MET A 107 -0.85 -1.54 0.32
CA MET A 107 -1.26 -2.90 -0.05
C MET A 107 -0.88 -3.29 -1.47
N ALA A 108 -1.12 -2.41 -2.46
CA ALA A 108 -0.72 -2.68 -3.83
C ALA A 108 0.83 -2.73 -3.96
N PHE A 109 1.55 -1.86 -3.23
CA PHE A 109 3.02 -1.86 -3.25
C PHE A 109 3.60 -3.13 -2.62
N ALA A 110 3.14 -3.48 -1.40
CA ALA A 110 3.54 -4.71 -0.72
C ALA A 110 3.22 -5.95 -1.57
N LEU A 111 2.04 -5.97 -2.22
CA LEU A 111 1.63 -7.07 -3.10
C LEU A 111 2.49 -7.16 -4.37
N GLY A 112 2.81 -6.00 -4.95
CA GLY A 112 3.68 -5.92 -6.12
C GLY A 112 5.06 -6.48 -5.80
N TRP A 113 5.61 -6.14 -4.62
CA TRP A 113 6.91 -6.64 -4.18
C TRP A 113 6.84 -8.13 -3.97
N ARG A 114 5.80 -8.61 -3.25
CA ARG A 114 5.62 -10.03 -2.98
C ARG A 114 5.45 -10.81 -4.25
N SER A 115 4.80 -10.21 -5.26
CA SER A 115 4.60 -10.82 -6.56
C SER A 115 5.89 -10.86 -7.40
N TYR A 116 6.69 -9.78 -7.36
CA TYR A 116 7.99 -9.69 -8.03
C TYR A 116 9.04 -10.69 -7.43
N ARG A 117 8.96 -10.96 -6.14
CA ARG A 117 9.83 -11.92 -5.45
C ARG A 117 9.49 -13.38 -5.75
N GLN A 118 8.18 -13.73 -5.82
CA GLN A 118 7.72 -15.10 -6.08
C GLN A 118 7.61 -15.45 -7.59
N SER A 119 7.55 -14.44 -8.50
CA SER A 119 7.40 -14.64 -9.95
C SER A 119 8.13 -13.53 -10.77
N SER A 120 8.84 -13.84 -11.89
CA SER A 120 9.12 -15.11 -12.58
C SER A 120 7.91 -15.66 -13.38
N ALA A 121 6.97 -14.75 -13.77
CA ALA A 121 5.80 -15.09 -14.60
C ALA A 121 5.23 -13.86 -15.37
N ASN A 122 4.61 -12.82 -14.73
CA ASN A 122 4.32 -12.70 -13.31
C ASN A 122 2.81 -12.81 -13.00
N LEU A 123 2.52 -13.22 -11.75
CA LEU A 123 1.19 -13.43 -11.20
C LEU A 123 1.02 -12.54 -9.96
N LEU A 124 -0.20 -12.52 -9.39
CA LEU A 124 -0.45 -11.75 -8.17
C LEU A 124 -0.53 -12.72 -7.01
N CYS A 125 0.46 -12.61 -6.10
CA CYS A 125 0.61 -13.47 -4.95
C CYS A 125 0.02 -12.81 -3.69
N PHE A 126 -1.32 -12.76 -3.64
CA PHE A 126 -2.06 -12.18 -2.49
C PHE A 126 -1.77 -12.96 -1.21
N ALA A 127 -1.72 -14.28 -1.33
CA ALA A 127 -1.44 -15.17 -0.21
C ALA A 127 -0.81 -16.47 -0.79
N PRO A 128 -0.07 -17.27 0.03
CA PRO A 128 0.50 -18.53 -0.51
C PRO A 128 -0.59 -19.49 -1.00
N ASP A 129 -1.76 -19.46 -0.36
CA ASP A 129 -2.95 -20.26 -0.72
C ASP A 129 -3.90 -19.53 -1.69
N LEU A 130 -3.50 -18.36 -2.26
CA LEU A 130 -4.34 -17.63 -3.20
C LEU A 130 -3.54 -16.75 -4.14
N ILE A 131 -3.03 -17.37 -5.21
CA ILE A 131 -2.29 -16.69 -6.26
C ILE A 131 -3.24 -16.55 -7.47
N ILE A 132 -3.29 -15.35 -8.07
CA ILE A 132 -4.14 -15.14 -9.24
C ILE A 132 -3.33 -15.60 -10.44
N ASN A 133 -3.45 -16.90 -10.74
CA ASN A 133 -2.76 -17.58 -11.84
C ASN A 133 -3.33 -17.19 -13.23
N GLU A 134 -2.84 -17.86 -14.29
CA GLU A 134 -3.24 -17.64 -15.70
C GLU A 134 -4.73 -17.89 -15.91
N GLN A 135 -5.25 -19.04 -15.39
CA GLN A 135 -6.64 -19.45 -15.48
C GLN A 135 -7.55 -18.47 -14.71
N ARG A 136 -7.20 -18.14 -13.45
CA ARG A 136 -7.95 -17.20 -12.60
C ARG A 136 -8.13 -15.83 -13.24
N MET A 137 -7.15 -15.38 -14.02
CA MET A 137 -7.22 -14.09 -14.71
C MET A 137 -8.23 -14.10 -15.87
N THR A 138 -8.70 -15.30 -16.30
CA THR A 138 -9.69 -15.44 -17.38
C THR A 138 -11.13 -15.41 -16.80
N LEU A 139 -11.26 -15.35 -15.45
CA LEU A 139 -12.56 -15.23 -14.78
C LEU A 139 -13.14 -13.84 -15.08
N PRO A 140 -14.49 -13.68 -15.22
CA PRO A 140 -15.03 -12.35 -15.58
C PRO A 140 -14.60 -11.24 -14.63
N ASP A 141 -14.16 -10.10 -15.17
CA ASP A 141 -13.75 -8.89 -14.44
C ASP A 141 -12.42 -9.02 -13.63
N MET A 142 -11.80 -10.21 -13.59
CA MET A 142 -10.54 -10.42 -12.87
C MET A 142 -9.38 -9.58 -13.43
N TYR A 143 -9.06 -9.72 -14.74
CA TYR A 143 -7.96 -9.01 -15.38
C TYR A 143 -7.99 -7.48 -15.16
N ASP A 144 -9.16 -6.85 -15.35
CA ASP A 144 -9.35 -5.41 -15.21
C ASP A 144 -9.02 -4.90 -13.80
N GLN A 145 -9.23 -5.78 -12.79
CA GLN A 145 -8.95 -5.52 -11.39
C GLN A 145 -7.46 -5.77 -11.08
N CYS A 146 -6.86 -6.78 -11.72
CA CYS A 146 -5.48 -7.20 -11.53
C CYS A 146 -4.42 -6.39 -12.26
N LYS A 147 -4.73 -5.85 -13.47
CA LYS A 147 -3.77 -5.19 -14.37
C LYS A 147 -2.96 -4.04 -13.77
N HIS A 148 -3.57 -3.20 -12.93
CA HIS A 148 -2.89 -2.05 -12.32
C HIS A 148 -1.85 -2.48 -11.30
N MET A 149 -2.12 -3.57 -10.59
CA MET A 149 -1.24 -4.14 -9.58
C MET A 149 -0.14 -4.93 -10.31
N LEU A 150 -0.48 -5.55 -11.45
CA LEU A 150 0.51 -6.24 -12.28
C LEU A 150 1.55 -5.24 -12.83
N TYR A 151 1.13 -4.00 -13.13
CA TYR A 151 1.99 -2.91 -13.59
C TYR A 151 3.05 -2.60 -12.50
N VAL A 152 2.63 -2.54 -11.21
CA VAL A 152 3.51 -2.26 -10.04
C VAL A 152 4.57 -3.37 -9.97
N SER A 153 4.12 -4.62 -9.99
CA SER A 153 4.98 -5.79 -9.95
C SER A 153 5.96 -5.80 -11.15
N SER A 154 5.47 -5.57 -12.38
CA SER A 154 6.32 -5.55 -13.58
C SER A 154 7.35 -4.41 -13.55
N GLU A 155 7.00 -3.26 -12.95
CA GLU A 155 7.91 -2.12 -12.79
C GLU A 155 9.03 -2.36 -11.81
N LEU A 156 8.73 -2.99 -10.64
CA LEU A 156 9.74 -3.33 -9.63
C LEU A 156 10.74 -4.32 -10.23
N HIS A 157 10.24 -5.24 -11.07
CA HIS A 157 11.05 -6.21 -11.81
C HIS A 157 11.95 -5.51 -12.84
N ARG A 158 11.35 -4.70 -13.74
CA ARG A 158 12.04 -3.94 -14.79
C ARG A 158 13.14 -3.04 -14.20
N LEU A 159 12.84 -2.35 -13.09
CA LEU A 159 13.79 -1.48 -12.41
C LEU A 159 14.76 -2.23 -11.47
N GLN A 160 14.57 -3.57 -11.32
CA GLN A 160 15.36 -4.45 -10.45
C GLN A 160 15.55 -3.83 -9.05
N VAL A 161 14.41 -3.38 -8.47
CA VAL A 161 14.31 -2.75 -7.16
C VAL A 161 14.82 -3.71 -6.07
N SER A 162 15.62 -3.17 -5.15
CA SER A 162 16.20 -3.97 -4.07
C SER A 162 15.32 -3.92 -2.84
N TYR A 163 15.59 -4.86 -1.92
CA TYR A 163 14.92 -4.98 -0.63
C TYR A 163 14.93 -3.67 0.14
N GLU A 164 16.09 -3.02 0.23
CA GLU A 164 16.25 -1.76 0.97
C GLU A 164 15.56 -0.57 0.30
N GLU A 165 15.65 -0.48 -1.03
CA GLU A 165 14.97 0.56 -1.81
C GLU A 165 13.44 0.41 -1.60
N TYR A 166 12.91 -0.82 -1.74
CA TYR A 166 11.49 -1.15 -1.53
C TYR A 166 11.00 -0.75 -0.13
N LEU A 167 11.78 -1.05 0.93
CA LEU A 167 11.43 -0.72 2.31
C LEU A 167 11.32 0.79 2.49
N CYS A 168 12.24 1.55 1.87
CA CYS A 168 12.22 3.02 1.95
C CYS A 168 11.04 3.56 1.14
N MET A 169 10.80 3.01 -0.05
CA MET A 169 9.69 3.40 -0.91
C MET A 169 8.32 3.12 -0.23
N LYS A 170 8.19 1.96 0.45
CA LYS A 170 6.94 1.60 1.13
C LYS A 170 6.59 2.57 2.26
N THR A 171 7.56 2.94 3.10
CA THR A 171 7.34 3.93 4.15
C THR A 171 6.96 5.30 3.50
N LEU A 172 7.60 5.62 2.37
CA LEU A 172 7.33 6.88 1.65
C LEU A 172 5.92 6.90 1.11
N LEU A 173 5.38 5.72 0.76
CA LEU A 173 3.99 5.57 0.31
C LEU A 173 3.00 5.88 1.43
N LEU A 174 3.37 5.56 2.67
CA LEU A 174 2.55 5.90 3.84
C LEU A 174 2.49 7.44 3.98
N LEU A 175 3.56 8.12 3.54
CA LEU A 175 3.72 9.58 3.62
C LEU A 175 3.48 10.28 2.26
N SER A 176 2.71 9.66 1.35
CA SER A 176 2.44 10.14 -0.01
C SER A 176 1.21 11.08 -0.20
N SER A 177 0.36 11.26 0.84
CA SER A 177 -0.83 12.11 0.76
C SER A 177 -1.12 12.72 2.09
N VAL A 178 -1.52 13.98 2.06
CA VAL A 178 -1.84 14.74 3.27
C VAL A 178 -3.16 15.43 3.02
N PRO A 179 -3.90 15.94 4.03
CA PRO A 179 -5.15 16.67 3.71
C PRO A 179 -4.84 18.01 3.00
N LYS A 180 -5.87 18.62 2.37
CA LYS A 180 -5.82 19.91 1.66
C LYS A 180 -5.10 20.98 2.48
N ASP A 181 -5.42 21.07 3.80
CA ASP A 181 -4.86 22.06 4.72
C ASP A 181 -3.73 21.50 5.53
N GLY A 182 -3.19 20.37 5.09
CA GLY A 182 -2.07 19.71 5.75
C GLY A 182 -2.44 19.06 7.07
N LEU A 183 -1.41 18.60 7.77
CA LEU A 183 -1.52 17.88 9.03
C LEU A 183 -1.35 18.76 10.26
N LYS A 184 -1.71 18.23 11.43
CA LYS A 184 -1.55 18.93 12.70
C LYS A 184 -0.06 19.09 13.02
N SER A 185 0.74 18.03 12.77
CA SER A 185 2.19 17.97 12.94
C SER A 185 2.90 18.05 11.58
N GLN A 186 2.50 19.01 10.73
CA GLN A 186 3.04 19.19 9.37
C GLN A 186 4.57 19.39 9.31
N GLU A 187 5.12 20.22 10.21
CA GLU A 187 6.55 20.52 10.28
C GLU A 187 7.33 19.23 10.54
N LEU A 188 6.92 18.47 11.58
CA LEU A 188 7.50 17.18 11.92
C LEU A 188 7.34 16.17 10.76
N PHE A 189 6.13 16.10 10.16
CA PHE A 189 5.86 15.22 9.01
C PHE A 189 6.86 15.44 7.91
N ASP A 190 7.06 16.72 7.52
CA ASP A 190 7.98 17.11 6.45
C ASP A 190 9.42 16.71 6.77
N GLU A 191 9.81 16.77 8.05
CA GLU A 191 11.13 16.33 8.55
C GLU A 191 11.25 14.81 8.44
N ILE A 192 10.21 14.06 8.89
CA ILE A 192 10.17 12.60 8.84
C ILE A 192 10.24 12.16 7.38
N ARG A 193 9.47 12.82 6.50
CA ARG A 193 9.43 12.48 5.08
C ARG A 193 10.77 12.73 4.39
N MET A 194 11.46 13.85 4.73
CA MET A 194 12.80 14.15 4.18
C MET A 194 13.79 13.06 4.59
N THR A 195 13.76 12.67 5.88
CA THR A 195 14.58 11.59 6.44
C THR A 195 14.45 10.29 5.62
N TYR A 196 13.20 9.93 5.17
CA TYR A 196 12.99 8.72 4.39
C TYR A 196 13.31 8.91 2.91
N ILE A 197 13.27 10.16 2.40
CA ILE A 197 13.71 10.46 1.02
C ILE A 197 15.24 10.22 0.97
N LYS A 198 15.96 10.71 2.01
CA LYS A 198 17.41 10.55 2.19
C LYS A 198 17.75 9.06 2.35
N GLU A 199 16.89 8.34 3.09
CA GLU A 199 17.06 6.91 3.32
C GLU A 199 16.97 6.12 2.02
N LEU A 200 16.07 6.54 1.09
CA LEU A 200 15.94 5.96 -0.24
C LEU A 200 17.23 6.25 -1.03
N GLY A 201 17.76 7.48 -0.88
CA GLY A 201 19.00 7.93 -1.49
C GLY A 201 20.16 7.02 -1.13
N LYS A 202 20.29 6.70 0.19
CA LYS A 202 21.32 5.81 0.74
C LYS A 202 21.24 4.38 0.17
N ALA A 203 20.01 3.85 -0.06
CA ALA A 203 19.80 2.51 -0.64
C ALA A 203 20.18 2.46 -2.13
N ILE A 204 19.92 3.55 -2.88
CA ILE A 204 20.25 3.68 -4.31
C ILE A 204 21.79 3.66 -4.49
N VAL A 205 22.52 4.42 -3.63
CA VAL A 205 23.98 4.55 -3.59
C VAL A 205 24.65 3.18 -3.30
N LYS A 206 24.04 2.32 -2.44
CA LYS A 206 24.55 0.99 -2.09
C LYS A 206 24.83 0.08 -3.30
N ARG A 207 24.36 0.48 -4.50
CA ARG A 207 24.56 -0.27 -5.74
C ARG A 207 25.33 0.55 -6.81
N GLU A 208 26.02 1.63 -6.39
CA GLU A 208 26.79 2.58 -7.23
C GLU A 208 27.70 1.93 -8.29
N GLY A 209 27.66 2.40 -9.54
CA GLY A 209 26.83 3.51 -9.99
C GLY A 209 27.13 3.99 -11.41
N ASN A 210 27.61 5.24 -11.62
CA ASN A 210 27.94 6.30 -10.67
C ASN A 210 28.29 7.54 -11.52
N SER A 211 27.82 8.77 -11.18
CA SER A 211 26.91 9.15 -10.10
C SER A 211 25.70 9.87 -10.71
N SER A 212 25.68 10.01 -12.05
CA SER A 212 24.56 10.56 -12.81
C SER A 212 23.57 9.41 -13.00
N GLN A 213 24.06 8.16 -12.75
CA GLN A 213 23.33 6.90 -12.78
C GLN A 213 22.48 6.84 -11.50
N ASN A 214 23.00 7.47 -10.41
CA ASN A 214 22.31 7.60 -9.13
C ASN A 214 21.12 8.53 -9.32
N TRP A 215 21.33 9.71 -9.97
CA TRP A 215 20.29 10.68 -10.29
C TRP A 215 19.22 10.00 -11.13
N GLN A 216 19.64 9.20 -12.15
CA GLN A 216 18.76 8.46 -13.05
C GLN A 216 17.89 7.47 -12.26
N ARG A 217 18.50 6.76 -11.28
CA ARG A 217 17.80 5.78 -10.46
C ARG A 217 16.80 6.46 -9.51
N PHE A 218 17.22 7.55 -8.84
CA PHE A 218 16.35 8.29 -7.92
C PHE A 218 15.15 8.82 -8.67
N TYR A 219 15.37 9.26 -9.92
CA TYR A 219 14.36 9.77 -10.82
C TYR A 219 13.37 8.66 -11.16
N GLN A 220 13.87 7.47 -11.51
CA GLN A 220 13.05 6.30 -11.86
C GLN A 220 12.17 5.81 -10.70
N LEU A 221 12.79 5.59 -9.51
CA LEU A 221 12.09 5.08 -8.32
C LEU A 221 11.05 6.07 -7.79
N THR A 222 11.37 7.38 -7.78
CA THR A 222 10.41 8.39 -7.35
C THR A 222 9.31 8.59 -8.41
N LYS A 223 9.60 8.24 -9.68
CA LYS A 223 8.62 8.32 -10.76
C LYS A 223 7.61 7.16 -10.59
N LEU A 224 8.09 5.97 -10.18
CA LEU A 224 7.24 4.82 -9.88
C LEU A 224 6.36 5.15 -8.64
N LEU A 225 6.94 5.80 -7.62
CA LEU A 225 6.27 6.23 -6.39
C LEU A 225 5.09 7.15 -6.77
N ASP A 226 5.37 8.17 -7.63
CA ASP A 226 4.37 9.10 -8.14
C ASP A 226 3.27 8.35 -8.89
N SER A 227 3.62 7.31 -9.69
CA SER A 227 2.62 6.55 -10.45
C SER A 227 1.67 5.71 -9.56
N MET A 228 2.06 5.47 -8.29
CA MET A 228 1.19 4.73 -7.35
C MET A 228 -0.15 5.46 -7.13
N HIS A 229 -0.16 6.82 -7.13
CA HIS A 229 -1.41 7.62 -7.00
C HIS A 229 -2.42 7.24 -8.09
N GLU A 230 -1.93 7.04 -9.34
CA GLU A 230 -2.77 6.68 -10.49
C GLU A 230 -3.20 5.24 -10.38
N VAL A 231 -2.28 4.37 -9.95
CA VAL A 231 -2.56 2.95 -9.72
C VAL A 231 -3.72 2.83 -8.70
N VAL A 232 -3.59 3.56 -7.58
CA VAL A 232 -4.54 3.58 -6.47
C VAL A 232 -5.87 4.16 -6.90
N GLU A 233 -5.86 5.29 -7.66
CA GLU A 233 -7.11 5.87 -8.16
C GLU A 233 -7.93 4.85 -8.94
N ASN A 234 -7.27 4.02 -9.77
CA ASN A 234 -7.95 2.96 -10.52
C ASN A 234 -8.40 1.83 -9.64
N LEU A 235 -7.63 1.54 -8.56
CA LEU A 235 -8.04 0.47 -7.65
C LEU A 235 -9.25 0.91 -6.80
N LEU A 236 -9.25 2.17 -6.35
CA LEU A 236 -10.34 2.70 -5.53
C LEU A 236 -11.65 2.87 -6.28
N ASN A 237 -11.63 3.03 -7.63
CA ASN A 237 -12.86 3.11 -8.43
C ASN A 237 -13.66 1.81 -8.35
N TYR A 238 -12.97 0.64 -8.43
CA TYR A 238 -13.61 -0.68 -8.31
C TYR A 238 -14.02 -0.93 -6.85
N CYS A 239 -13.12 -0.64 -5.92
CA CYS A 239 -13.32 -0.80 -4.48
C CYS A 239 -14.56 -0.01 -3.99
N PHE A 240 -14.63 1.29 -4.32
CA PHE A 240 -15.75 2.19 -3.92
C PHE A 240 -17.08 1.77 -4.51
N GLN A 241 -17.09 1.31 -5.78
CA GLN A 241 -18.27 0.82 -6.50
C GLN A 241 -18.88 -0.41 -5.82
N THR A 242 -18.05 -1.46 -5.55
CA THR A 242 -18.46 -2.72 -4.92
C THR A 242 -18.89 -2.53 -3.48
N PHE A 243 -18.29 -1.52 -2.80
CA PHE A 243 -18.66 -1.21 -1.43
C PHE A 243 -20.04 -0.53 -1.39
N LEU A 244 -20.23 0.51 -2.21
CA LEU A 244 -21.48 1.29 -2.27
C LEU A 244 -22.68 0.53 -2.82
N ASP A 245 -22.48 -0.36 -3.81
CA ASP A 245 -23.58 -1.13 -4.39
C ASP A 245 -23.86 -2.43 -3.61
N LYS A 246 -24.80 -2.36 -2.65
CA LYS A 246 -25.17 -3.47 -1.78
C LYS A 246 -25.86 -4.61 -2.51
N THR A 247 -26.39 -4.38 -3.72
CA THR A 247 -27.02 -5.43 -4.53
C THR A 247 -25.98 -6.44 -5.09
N MET A 248 -24.66 -6.10 -5.02
CA MET A 248 -23.57 -6.97 -5.48
C MET A 248 -23.24 -8.05 -4.44
N SER A 249 -23.71 -7.87 -3.20
CA SER A 249 -23.46 -8.79 -2.08
C SER A 249 -21.94 -8.99 -1.83
N ILE A 250 -21.17 -7.91 -2.03
CA ILE A 250 -19.73 -7.96 -1.83
C ILE A 250 -19.40 -7.33 -0.46
N GLU A 251 -19.04 -8.20 0.46
CA GLU A 251 -18.73 -7.91 1.85
C GLU A 251 -17.33 -7.30 2.02
N PHE A 252 -17.24 -6.36 2.96
CA PHE A 252 -16.00 -5.76 3.40
C PHE A 252 -15.94 -5.92 4.91
N PRO A 253 -14.78 -6.33 5.48
CA PRO A 253 -14.70 -6.44 6.95
C PRO A 253 -14.68 -5.03 7.52
N GLU A 254 -15.07 -4.90 8.79
CA GLU A 254 -15.15 -3.65 9.54
C GLU A 254 -13.93 -2.71 9.29
N MET A 255 -12.70 -3.24 9.33
CA MET A 255 -11.50 -2.43 9.15
C MET A 255 -11.52 -1.69 7.83
N LEU A 256 -11.95 -2.38 6.75
CA LEU A 256 -12.03 -1.76 5.44
C LEU A 256 -13.25 -0.92 5.30
N ALA A 257 -14.43 -1.39 5.80
CA ALA A 257 -15.69 -0.63 5.75
C ALA A 257 -15.47 0.79 6.33
N GLU A 258 -14.78 0.88 7.47
CA GLU A 258 -14.42 2.09 8.18
C GLU A 258 -13.43 2.97 7.37
N ILE A 259 -12.42 2.37 6.73
CA ILE A 259 -11.49 3.15 5.89
C ILE A 259 -12.26 3.75 4.68
N ILE A 260 -13.06 2.92 4.00
CA ILE A 260 -13.81 3.31 2.80
C ILE A 260 -14.83 4.42 3.10
N THR A 261 -15.56 4.26 4.21
CA THR A 261 -16.58 5.19 4.72
C THR A 261 -15.93 6.57 4.97
N ASN A 262 -14.73 6.59 5.56
CA ASN A 262 -13.98 7.80 5.87
C ASN A 262 -13.47 8.48 4.59
N GLN A 263 -12.91 7.67 3.67
CA GLN A 263 -12.28 8.13 2.45
C GLN A 263 -13.20 8.64 1.37
N ILE A 264 -14.39 7.99 1.14
CA ILE A 264 -15.31 8.40 0.07
C ILE A 264 -15.64 9.95 0.19
N PRO A 265 -16.06 10.52 1.36
CA PRO A 265 -16.31 11.98 1.43
C PRO A 265 -15.09 12.87 1.17
N LYS A 266 -13.91 12.43 1.63
CA LYS A 266 -12.65 13.17 1.46
C LYS A 266 -12.32 13.37 -0.02
N TYR A 267 -12.57 12.34 -0.83
CA TYR A 267 -12.41 12.39 -2.27
C TYR A 267 -13.43 13.33 -2.93
N SER A 268 -14.72 13.22 -2.54
CA SER A 268 -15.77 14.05 -3.15
C SER A 268 -15.63 15.57 -2.81
N ASN A 269 -14.97 15.92 -1.69
CA ASN A 269 -14.75 17.29 -1.23
C ASN A 269 -13.34 17.81 -1.56
N GLY A 270 -12.58 17.08 -2.38
CA GLY A 270 -11.21 17.45 -2.74
C GLY A 270 -10.24 17.54 -1.58
N ASN A 271 -10.60 16.93 -0.44
CA ASN A 271 -9.76 16.92 0.74
C ASN A 271 -8.67 15.85 0.63
N ILE A 272 -7.70 16.11 -0.27
CA ILE A 272 -6.54 15.26 -0.52
C ILE A 272 -5.47 16.02 -1.33
N LYS A 273 -4.24 16.03 -0.79
CA LYS A 273 -3.09 16.60 -1.48
C LYS A 273 -2.13 15.44 -1.69
N LYS A 274 -2.06 14.97 -2.93
CA LYS A 274 -1.18 13.89 -3.36
C LYS A 274 0.21 14.49 -3.57
N LEU A 275 1.17 14.13 -2.71
CA LEU A 275 2.53 14.64 -2.81
C LEU A 275 3.22 14.00 -4.00
N LEU A 276 3.89 14.83 -4.83
CA LEU A 276 4.60 14.35 -6.02
C LEU A 276 6.05 14.70 -5.97
N PHE A 277 6.89 13.85 -6.57
CA PHE A 277 8.32 14.09 -6.65
C PHE A 277 8.63 14.87 -7.93
N HIS A 278 7.94 14.51 -9.03
CA HIS A 278 8.04 15.12 -10.36
C HIS A 278 6.70 15.77 -10.73
N GLN A 279 6.76 16.85 -11.56
CA GLN A 279 5.56 17.54 -12.06
C GLN A 279 5.54 17.55 -13.57
N GLU B 1 -16.62 7.89 15.21
CA GLU B 1 -16.40 7.95 13.77
C GLU B 1 -15.54 6.76 13.29
N ASN B 2 -14.20 6.90 13.27
CA ASN B 2 -13.30 5.82 12.85
C ASN B 2 -12.72 5.07 14.07
N ALA B 3 -13.68 4.54 14.86
CA ALA B 3 -13.55 3.83 16.12
C ALA B 3 -12.48 2.74 16.16
N LEU B 4 -12.49 1.80 15.19
CA LEU B 4 -11.55 0.71 15.11
C LEU B 4 -10.13 1.17 14.89
N LEU B 5 -9.90 2.03 13.87
CA LEU B 5 -8.54 2.52 13.62
C LEU B 5 -7.98 3.28 14.84
N ARG B 6 -8.83 4.11 15.48
N ARG B 6 -8.81 4.12 15.49
CA ARG B 6 -8.47 4.90 16.67
CA ARG B 6 -8.36 4.87 16.67
C ARG B 6 -8.03 3.96 17.81
C ARG B 6 -7.96 3.91 17.79
N TYR B 7 -8.77 2.85 18.00
CA TYR B 7 -8.50 1.81 19.01
C TYR B 7 -7.15 1.13 18.77
N LEU B 8 -6.92 0.70 17.54
CA LEU B 8 -5.69 0.04 17.13
C LEU B 8 -4.45 0.89 17.29
N LEU B 9 -4.56 2.19 17.05
CA LEU B 9 -3.45 3.12 17.20
C LEU B 9 -3.20 3.46 18.66
N ASP B 10 -4.28 3.57 19.47
CA ASP B 10 -4.24 3.94 20.87
C ASP B 10 -3.85 2.82 21.80
N LYS B 11 -4.31 1.58 21.54
CA LYS B 11 -3.99 0.39 22.35
C LYS B 11 -2.47 0.10 22.37
N ASP B 12 -2.04 -0.76 23.31
CA ASP B 12 -0.65 -1.21 23.37
C ASP B 12 -0.54 -2.45 22.49
N ASP B 13 0.60 -2.62 21.79
CA ASP B 13 0.79 -3.78 20.92
C ASP B 13 1.56 -4.92 21.57
#